data_6CS8
#
_entry.id   6CS8
#
_cell.length_a   34.541
_cell.length_b   76.192
_cell.length_c   107.978
_cell.angle_alpha   90.00
_cell.angle_beta   90.72
_cell.angle_gamma   90.00
#
_symmetry.space_group_name_H-M   'P 1 21 1'
#
loop_
_entity.id
_entity.type
_entity.pdbx_description
1 polymer 'Signal recognition particle receptor FtsY'
2 non-polymer 1H-indole-6-carbonitrile
3 non-polymer 'SODIUM ION'
4 water water
#
_entity_poly.entity_id   1
_entity_poly.type   'polypeptide(L)'
_entity_poly.pdbx_seq_one_letter_code
;GFARLKRSLLKTKENLGSGFISLFRGKKIDDDLFEELEEQLLIADVGVETTRKIITNLTEGASRKQLRDAEALYGLLKEE
MGEILAKVDEPLNVEGKAPFVILMVGVNGVGKTTTIGKLARQFEQQGKSVMLAAGDTFRAAAVEQLQVWGQRNNIPVIAQ
HTGADSASVIFDAIQAAKARNIDVLIADTAGRLQNKSHLMEELKKIVRVMKKLDVEAPHEVMLTIDASTGQNAVSQAKLF
HEAVGLTGITLTKLDGTAKGGVIFSVADQFGIPIRYIGVGERIEDLRPFKADDFIEALFARED
;
_entity_poly.pdbx_strand_id   A,B
#
loop_
_chem_comp.id
_chem_comp.type
_chem_comp.name
_chem_comp.formula
F9Y non-polymer 1H-indole-6-carbonitrile 'C9 H6 N2'
NA non-polymer 'SODIUM ION' 'Na 1'
#
# COMPACT_ATOMS: atom_id res chain seq x y z
N GLY A 1 -7.33 3.12 -3.18
CA GLY A 1 -6.00 2.55 -3.11
C GLY A 1 -5.20 3.16 -1.97
N PHE A 2 -4.05 2.53 -1.65
CA PHE A 2 -3.11 3.05 -0.66
C PHE A 2 -3.79 3.35 0.68
N ALA A 3 -4.71 2.47 1.09
CA ALA A 3 -5.48 2.75 2.30
C ALA A 3 -4.57 2.90 3.52
N ARG A 4 -3.53 2.07 3.66
CA ARG A 4 -2.70 2.17 4.86
C ARG A 4 -1.86 3.45 4.86
N LEU A 5 -1.25 3.80 3.73
CA LEU A 5 -0.50 5.06 3.65
C LEU A 5 -1.41 6.27 3.86
N LYS A 6 -2.63 6.24 3.30
CA LYS A 6 -3.53 7.38 3.52
C LYS A 6 -3.85 7.56 4.98
N ARG A 7 -4.03 6.45 5.71
CA ARG A 7 -4.24 6.53 7.15
C ARG A 7 -3.01 7.09 7.85
N SER A 8 -1.83 6.61 7.48
CA SER A 8 -0.61 7.18 8.04
C SER A 8 -0.51 8.67 7.77
N LEU A 9 -0.98 9.12 6.63
CA LEU A 9 -0.86 10.52 6.22
C LEU A 9 -2.08 11.35 6.55
N LEU A 10 -3.01 10.81 7.35
CA LEU A 10 -4.29 11.50 7.58
C LEU A 10 -4.06 12.94 8.03
N LYS A 11 -3.21 13.15 9.02
CA LYS A 11 -3.05 14.50 9.54
C LYS A 11 -2.33 15.39 8.53
N THR A 12 -1.42 14.82 7.74
CA THR A 12 -0.77 15.60 6.68
C THR A 12 -1.76 15.98 5.60
N LYS A 13 -2.61 15.02 5.26
CA LYS A 13 -3.67 15.27 4.25
C LYS A 13 -4.64 16.44 4.66
N GLU A 14 -4.85 16.73 5.95
CA GLU A 14 -5.65 17.94 6.32
C GLU A 14 -5.16 19.29 5.58
N ASN A 15 -3.84 19.42 5.34
CA ASN A 15 -3.26 20.63 4.71
C ASN A 15 -2.65 20.49 3.24
N LEU A 16 -2.13 19.31 2.90
CA LEU A 16 -1.48 19.03 1.57
C LEU A 16 -2.27 18.02 0.74
N GLY A 17 -1.96 17.94 -0.55
CA GLY A 17 -2.63 17.00 -1.42
C GLY A 17 -4.16 17.14 -1.35
N SER A 18 -4.93 16.14 -0.89
CA SER A 18 -6.42 16.30 -0.80
C SER A 18 -6.90 17.58 0.03
N GLY A 19 -6.14 18.01 1.04
CA GLY A 19 -6.49 19.19 1.79
C GLY A 19 -6.59 20.44 0.93
N PHE A 20 -5.94 20.45 -0.23
CA PHE A 20 -6.11 21.60 -1.09
C PHE A 20 -7.52 21.68 -1.69
N ILE A 21 -8.17 20.53 -1.84
CA ILE A 21 -9.50 20.49 -2.51
C ILE A 21 -10.47 21.56 -1.86
N SER A 22 -10.74 21.45 -0.56
CA SER A 22 -11.62 22.48 0.10
C SER A 22 -11.03 23.93 -0.13
N LEU A 23 -9.71 24.12 0.03
CA LEU A 23 -9.12 25.49 -0.17
C LEU A 23 -9.47 26.13 -1.56
N PHE A 24 -9.55 25.30 -2.60
CA PHE A 24 -9.75 25.80 -3.94
C PHE A 24 -11.23 25.84 -4.34
N ARG A 25 -12.10 25.10 -3.65
CA ARG A 25 -13.47 24.90 -4.12
C ARG A 25 -14.11 26.25 -4.40
N GLY A 26 -14.57 26.45 -5.64
CA GLY A 26 -15.32 27.63 -5.99
C GLY A 26 -14.59 28.95 -5.93
N LYS A 27 -13.27 28.94 -5.79
CA LYS A 27 -12.50 30.16 -5.79
C LYS A 27 -11.97 30.47 -7.19
N LYS A 28 -11.63 31.73 -7.39
CA LYS A 28 -10.92 32.17 -8.58
C LYS A 28 -9.44 32.30 -8.28
N ILE A 29 -8.63 32.24 -9.33
CA ILE A 29 -7.18 32.34 -9.18
C ILE A 29 -6.81 33.82 -9.11
N ASP A 30 -6.36 34.27 -7.93
CA ASP A 30 -5.86 35.62 -7.77
C ASP A 30 -4.85 35.64 -6.62
N ASP A 31 -4.39 36.84 -6.25
CA ASP A 31 -3.38 36.96 -5.20
C ASP A 31 -3.91 36.43 -3.88
N ASP A 32 -5.19 36.69 -3.58
CA ASP A 32 -5.81 36.11 -2.40
C ASP A 32 -5.61 34.60 -2.36
N LEU A 33 -5.82 33.98 -3.51
CA LEU A 33 -5.74 32.51 -3.59
C LEU A 33 -4.30 32.01 -3.27
N PHE A 34 -3.34 32.58 -3.97
CA PHE A 34 -1.95 32.16 -3.78
C PHE A 34 -1.46 32.50 -2.38
N GLU A 35 -1.97 33.57 -1.79
CA GLU A 35 -1.61 33.87 -0.41
C GLU A 35 -2.16 32.82 0.55
N GLU A 36 -3.41 32.39 0.34
CA GLU A 36 -3.97 31.33 1.17
C GLU A 36 -3.19 30.05 0.99
N LEU A 37 -2.81 29.75 -0.25
CA LEU A 37 -2.06 28.53 -0.53
C LEU A 37 -0.68 28.56 0.13
N GLU A 38 0.02 29.70 0.04
CA GLU A 38 1.32 29.80 0.69
C GLU A 38 1.19 29.58 2.20
N GLU A 39 0.20 30.21 2.84
CA GLU A 39 -0.04 29.99 4.27
C GLU A 39 -0.21 28.50 4.56
N GLN A 40 -1.03 27.82 3.78
CA GLN A 40 -1.27 26.42 4.05
C GLN A 40 0.00 25.58 3.86
N LEU A 41 0.80 25.87 2.85
CA LEU A 41 2.06 25.13 2.66
C LEU A 41 3.00 25.38 3.83
N LEU A 42 3.06 26.62 4.31
CA LEU A 42 3.93 26.88 5.45
C LEU A 42 3.41 26.18 6.70
N ILE A 43 2.09 26.20 6.90
CA ILE A 43 1.53 25.50 8.05
C ILE A 43 1.90 24.02 8.02
N ALA A 44 1.92 23.40 6.81
CA ALA A 44 2.25 21.97 6.62
C ALA A 44 3.75 21.66 6.74
N ASP A 45 4.58 22.65 7.11
CA ASP A 45 6.02 22.50 7.31
C ASP A 45 6.79 22.32 6.02
N VAL A 46 6.28 22.84 4.90
CA VAL A 46 6.95 22.66 3.62
C VAL A 46 8.19 23.52 3.49
N GLY A 47 8.30 24.58 4.28
CA GLY A 47 9.50 25.39 4.33
C GLY A 47 9.37 26.65 3.49
N VAL A 48 10.04 27.72 3.95
CA VAL A 48 9.93 29.03 3.32
C VAL A 48 10.37 28.98 1.86
N GLU A 49 11.57 28.44 1.62
CA GLU A 49 12.13 28.48 0.26
C GLU A 49 11.47 27.46 -0.65
N THR A 50 11.11 26.28 -0.12
CA THR A 50 10.41 25.34 -0.96
C THR A 50 9.04 25.88 -1.36
N THR A 51 8.33 26.49 -0.41
CA THR A 51 7.02 27.06 -0.70
C THR A 51 7.12 28.18 -1.74
N ARG A 52 8.15 29.04 -1.64
CA ARG A 52 8.30 30.10 -2.63
C ARG A 52 8.53 29.52 -4.00
N LYS A 53 9.30 28.44 -4.08
CA LYS A 53 9.53 27.78 -5.37
C LYS A 53 8.23 27.25 -5.96
N ILE A 54 7.42 26.60 -5.13
CA ILE A 54 6.16 26.02 -5.60
C ILE A 54 5.21 27.12 -6.08
N ILE A 55 5.06 28.16 -5.28
CA ILE A 55 4.16 29.26 -5.67
C ILE A 55 4.61 29.89 -6.98
N THR A 56 5.92 30.08 -7.14
CA THR A 56 6.43 30.70 -8.37
C THR A 56 6.09 29.87 -9.60
N ASN A 57 6.36 28.58 -9.54
CA ASN A 57 6.11 27.71 -10.73
C ASN A 57 4.58 27.57 -10.94
N LEU A 58 3.88 27.56 -9.82
CA LEU A 58 2.40 27.41 -9.87
C LEU A 58 1.83 28.74 -10.51
N THR A 59 2.22 29.92 -9.98
CA THR A 59 1.71 31.19 -10.57
C THR A 59 2.08 31.26 -12.11
N GLU A 60 3.35 31.02 -12.48
CA GLU A 60 3.74 31.11 -13.92
C GLU A 60 2.90 30.11 -14.75
N GLY A 61 2.71 28.92 -14.21
CA GLY A 61 1.98 27.91 -14.95
C GLY A 61 0.52 28.27 -15.13
N ALA A 62 -0.08 28.88 -14.10
CA ALA A 62 -1.46 29.35 -14.19
C ALA A 62 -1.60 30.46 -15.21
N SER A 63 -0.70 31.44 -15.15
CA SER A 63 -0.71 32.54 -16.11
C SER A 63 -0.63 32.03 -17.55
N ARG A 64 0.33 31.15 -17.83
CA ARG A 64 0.55 30.69 -19.21
C ARG A 64 -0.75 30.17 -19.82
N LYS A 65 -1.40 29.21 -19.16
CA LYS A 65 -2.66 28.68 -19.67
C LYS A 65 -3.84 29.59 -19.40
N GLN A 66 -3.62 30.76 -18.80
CA GLN A 66 -4.70 31.69 -18.45
C GLN A 66 -5.78 31.01 -17.61
N LEU A 67 -5.32 30.11 -16.76
CA LEU A 67 -6.24 29.34 -15.89
C LEU A 67 -7.09 30.38 -15.11
N ARG A 68 -8.36 30.10 -14.86
CA ARG A 68 -9.23 31.01 -14.13
C ARG A 68 -9.78 30.37 -12.82
N ASP A 69 -10.28 29.11 -12.86
CA ASP A 69 -10.84 28.42 -11.65
C ASP A 69 -9.70 27.80 -10.84
N ALA A 70 -9.66 28.12 -9.56
CA ALA A 70 -8.64 27.59 -8.67
C ALA A 70 -8.62 26.07 -8.65
N GLU A 71 -9.74 25.41 -8.95
CA GLU A 71 -9.75 23.95 -9.01
C GLU A 71 -8.70 23.43 -9.99
N ALA A 72 -8.39 24.20 -11.04
CA ALA A 72 -7.42 23.79 -12.06
C ALA A 72 -5.97 23.84 -11.57
N LEU A 73 -5.74 24.47 -10.42
CA LEU A 73 -4.42 24.45 -9.83
C LEU A 73 -4.05 23.08 -9.28
N TYR A 74 -5.03 22.22 -8.99
CA TYR A 74 -4.75 20.99 -8.26
C TYR A 74 -3.77 20.10 -9.00
N GLY A 75 -4.08 19.78 -10.26
CA GLY A 75 -3.16 18.96 -11.05
C GLY A 75 -1.79 19.57 -11.21
N LEU A 76 -1.70 20.90 -11.29
CA LEU A 76 -0.39 21.54 -11.41
C LEU A 76 0.37 21.39 -10.11
N LEU A 77 -0.31 21.56 -8.98
CA LEU A 77 0.35 21.38 -7.70
C LEU A 77 0.82 19.95 -7.53
N LYS A 78 0.00 18.99 -7.92
CA LYS A 78 0.37 17.59 -7.78
C LYS A 78 1.60 17.28 -8.60
N GLU A 79 1.68 17.83 -9.81
CA GLU A 79 2.88 17.67 -10.65
C GLU A 79 4.10 18.32 -10.00
N GLU A 80 3.96 19.55 -9.53
CA GLU A 80 5.11 20.27 -8.96
C GLU A 80 5.62 19.57 -7.70
N MET A 81 4.72 19.21 -6.80
CA MET A 81 5.16 18.57 -5.57
C MET A 81 5.65 17.16 -5.87
N GLY A 82 5.10 16.52 -6.91
CA GLY A 82 5.58 15.19 -7.25
C GLY A 82 6.99 15.22 -7.77
N GLU A 83 7.37 16.27 -8.49
CA GLU A 83 8.71 16.28 -9.03
C GLU A 83 9.75 16.55 -7.94
N ILE A 84 9.38 17.31 -6.90
CA ILE A 84 10.24 17.46 -5.71
C ILE A 84 10.57 16.11 -5.11
N LEU A 85 9.55 15.28 -4.87
CA LEU A 85 9.82 13.97 -4.29
C LEU A 85 10.48 13.00 -5.29
N ALA A 86 10.16 13.10 -6.58
CA ALA A 86 10.81 12.19 -7.53
C ALA A 86 12.35 12.36 -7.50
N LYS A 87 12.83 13.55 -7.22
CA LYS A 87 14.27 13.79 -7.27
C LYS A 87 15.02 13.06 -6.19
N VAL A 88 14.32 12.56 -5.17
CA VAL A 88 14.99 11.85 -4.07
C VAL A 88 14.45 10.43 -3.94
N ASP A 89 13.86 9.92 -5.03
CA ASP A 89 13.40 8.53 -5.11
C ASP A 89 14.57 7.70 -5.64
N GLU A 90 15.17 6.99 -4.71
CA GLU A 90 16.30 6.09 -5.04
C GLU A 90 16.55 5.01 -3.96
N PRO A 91 15.94 3.83 -4.06
CA PRO A 91 16.14 2.81 -3.04
C PRO A 91 17.61 2.48 -2.74
N LEU A 92 17.88 2.20 -1.49
CA LEU A 92 19.23 1.82 -1.06
C LEU A 92 19.55 0.45 -1.63
N ASN A 93 20.72 0.34 -2.25
CA ASN A 93 21.18 -0.96 -2.74
C ASN A 93 22.45 -1.33 -1.94
N VAL A 94 22.38 -2.39 -1.15
CA VAL A 94 23.49 -2.81 -0.28
C VAL A 94 24.25 -3.99 -0.85
N GLU A 95 23.91 -4.43 -2.07
CA GLU A 95 24.45 -5.66 -2.62
C GLU A 95 25.94 -5.53 -2.90
N GLY A 96 26.65 -6.66 -2.83
CA GLY A 96 27.98 -6.78 -3.40
C GLY A 96 29.17 -6.19 -2.65
N LYS A 97 29.08 -5.98 -1.34
CA LYS A 97 30.20 -5.43 -0.58
C LYS A 97 30.45 -6.30 0.65
N ALA A 98 31.70 -6.26 1.12
CA ALA A 98 32.16 -7.19 2.16
C ALA A 98 32.86 -6.52 3.37
N PRO A 99 32.15 -5.95 4.35
CA PRO A 99 30.69 -5.78 4.43
C PRO A 99 30.23 -4.43 3.78
N PHE A 100 28.92 -4.24 3.53
CA PHE A 100 28.37 -2.94 3.05
C PHE A 100 28.23 -2.23 4.40
N VAL A 101 28.92 -1.11 4.59
CA VAL A 101 28.92 -0.40 5.86
C VAL A 101 27.91 0.76 5.79
N ILE A 102 26.91 0.73 6.67
CA ILE A 102 26.02 1.86 6.89
C ILE A 102 26.42 2.56 8.18
N LEU A 103 26.76 3.84 8.07
CA LEU A 103 26.98 4.70 9.24
C LEU A 103 25.67 5.43 9.57
N MET A 104 25.06 5.11 10.71
CA MET A 104 23.77 5.68 11.09
C MET A 104 24.02 6.90 11.97
N VAL A 105 23.62 8.06 11.48
CA VAL A 105 23.81 9.31 12.18
C VAL A 105 22.45 9.94 12.45
N GLY A 106 22.46 10.85 13.39
CA GLY A 106 21.25 11.53 13.78
C GLY A 106 21.14 11.77 15.29
N VAL A 107 20.20 12.61 15.77
CA VAL A 107 20.09 12.91 17.24
C VAL A 107 19.39 11.70 17.96
N ASN A 108 19.45 11.60 19.31
CA ASN A 108 18.79 10.47 20.05
C ASN A 108 17.26 10.76 20.04
N GLY A 109 16.43 9.78 20.37
N GLY A 109 16.55 9.64 20.23
CA GLY A 109 14.98 9.94 20.42
CA GLY A 109 15.13 9.51 19.92
C GLY A 109 14.11 10.20 19.15
C GLY A 109 15.01 8.06 19.49
N VAL A 110 14.74 10.08 17.98
N VAL A 110 13.86 7.46 19.78
CA VAL A 110 14.05 10.23 16.69
CA VAL A 110 13.62 6.05 19.38
C VAL A 110 13.92 8.91 15.86
C VAL A 110 14.05 5.81 17.90
N GLY A 111 14.04 7.71 16.45
N GLY A 111 13.67 6.73 17.00
CA GLY A 111 13.93 6.44 15.75
CA GLY A 111 13.96 6.69 15.59
C GLY A 111 15.21 5.90 15.08
C GLY A 111 15.20 5.97 15.01
N LYS A 112 16.38 6.42 15.45
CA LYS A 112 17.60 5.91 14.83
C LYS A 112 17.82 4.45 15.21
N THR A 113 17.63 4.12 16.49
CA THR A 113 17.92 2.76 16.98
C THR A 113 16.85 1.79 16.51
N THR A 114 15.60 2.20 16.54
CA THR A 114 14.53 1.43 15.93
C THR A 114 14.82 1.10 14.47
N THR A 115 15.28 2.10 13.71
CA THR A 115 15.55 1.92 12.29
C THR A 115 16.67 0.89 12.09
N ILE A 116 17.72 0.97 12.89
CA ILE A 116 18.79 -0.04 12.85
C ILE A 116 18.18 -1.45 12.96
N GLY A 117 17.33 -1.66 13.97
CA GLY A 117 16.78 -2.99 14.16
C GLY A 117 15.94 -3.44 12.99
N LYS A 118 15.05 -2.55 12.51
CA LYS A 118 14.21 -2.94 11.38
C LYS A 118 15.04 -3.23 10.14
N LEU A 119 16.04 -2.37 9.84
CA LEU A 119 16.90 -2.63 8.69
C LEU A 119 17.61 -3.99 8.83
N ALA A 120 18.20 -4.24 10.00
CA ALA A 120 18.87 -5.50 10.28
C ALA A 120 17.97 -6.69 9.98
N ARG A 121 16.73 -6.65 10.49
CA ARG A 121 15.83 -7.78 10.28
C ARG A 121 15.44 -7.90 8.81
N GLN A 122 15.25 -6.78 8.11
CA GLN A 122 14.91 -6.84 6.68
C GLN A 122 16.06 -7.47 5.89
N PHE A 123 17.28 -7.04 6.18
CA PHE A 123 18.42 -7.55 5.42
C PHE A 123 18.60 -9.04 5.65
N GLU A 124 18.39 -9.51 6.89
CA GLU A 124 18.51 -10.93 7.16
C GLU A 124 17.38 -11.71 6.48
N GLN A 125 16.17 -11.13 6.41
CA GLN A 125 15.10 -11.78 5.65
C GLN A 125 15.44 -11.89 4.18
N GLN A 126 16.21 -10.93 3.65
CA GLN A 126 16.73 -10.95 2.30
C GLN A 126 17.87 -11.96 2.09
N GLY A 127 18.29 -12.68 3.12
CA GLY A 127 19.35 -13.66 3.01
C GLY A 127 20.73 -13.14 3.34
N LYS A 128 20.85 -11.91 3.84
CA LYS A 128 22.16 -11.35 4.20
C LYS A 128 22.48 -11.62 5.66
N SER A 129 23.78 -11.71 5.95
CA SER A 129 24.26 -11.79 7.32
C SER A 129 24.56 -10.36 7.78
N VAL A 130 24.11 -10.01 8.96
CA VAL A 130 24.19 -8.63 9.44
C VAL A 130 24.98 -8.61 10.75
N MET A 131 25.68 -7.51 10.98
CA MET A 131 26.35 -7.25 12.25
C MET A 131 26.09 -5.80 12.61
N LEU A 132 26.04 -5.51 13.91
CA LEU A 132 25.84 -4.16 14.42
C LEU A 132 27.04 -3.72 15.23
N ALA A 133 27.32 -2.42 15.17
CA ALA A 133 28.41 -1.82 15.97
C ALA A 133 27.78 -0.82 16.93
N ALA A 134 28.01 -1.02 18.22
CA ALA A 134 27.37 -0.18 19.24
C ALA A 134 28.25 1.04 19.51
N GLY A 135 28.24 1.95 18.53
CA GLY A 135 29.09 3.13 18.57
C GLY A 135 28.65 4.29 19.44
N ASP A 136 27.48 4.21 20.08
CA ASP A 136 26.99 5.24 21.01
C ASP A 136 27.52 4.91 22.41
N THR A 137 28.82 5.09 22.57
CA THR A 137 29.57 4.35 23.59
C THR A 137 29.43 4.87 25.02
N PHE A 138 29.02 6.12 25.20
CA PHE A 138 28.88 6.67 26.55
C PHE A 138 27.49 6.49 27.12
N ARG A 139 26.56 5.88 26.37
CA ARG A 139 25.20 5.64 26.85
C ARG A 139 25.08 4.15 27.16
N ALA A 140 25.38 3.81 28.42
CA ALA A 140 25.52 2.41 28.84
C ALA A 140 24.20 1.66 28.65
N ALA A 141 23.09 2.32 28.92
CA ALA A 141 21.80 1.67 28.79
C ALA A 141 21.46 1.41 27.32
N ALA A 142 21.83 2.33 26.43
CA ALA A 142 21.57 2.16 24.99
C ALA A 142 22.38 1.01 24.42
N VAL A 143 23.65 1.00 24.79
CA VAL A 143 24.56 -0.06 24.31
C VAL A 143 23.99 -1.44 24.82
N GLU A 144 23.77 -1.57 26.13
CA GLU A 144 23.25 -2.88 26.67
C GLU A 144 21.90 -3.28 25.94
N GLN A 145 20.96 -2.33 25.77
CA GLN A 145 19.69 -2.67 25.05
C GLN A 145 20.02 -3.22 23.63
N LEU A 146 20.91 -2.53 22.93
CA LEU A 146 21.31 -3.00 21.56
C LEU A 146 21.87 -4.47 21.63
N GLN A 147 22.71 -4.70 22.62
CA GLN A 147 23.32 -6.03 22.78
C GLN A 147 22.17 -7.06 23.11
N VAL A 148 21.33 -6.71 24.07
CA VAL A 148 20.21 -7.58 24.38
C VAL A 148 19.39 -7.80 23.05
N TRP A 149 19.04 -6.72 22.31
CA TRP A 149 18.30 -6.91 21.02
C TRP A 149 19.05 -7.92 20.06
N GLY A 150 20.37 -7.77 19.92
CA GLY A 150 21.12 -8.65 19.06
C GLY A 150 21.02 -10.14 19.56
N GLN A 151 21.13 -10.33 20.86
CA GLN A 151 21.07 -11.71 21.42
C GLN A 151 19.67 -12.31 21.16
N ARG A 152 18.65 -11.49 21.32
CA ARG A 152 17.30 -11.93 21.04
C ARG A 152 17.12 -12.40 19.57
N ASN A 153 17.66 -11.67 18.57
CA ASN A 153 17.57 -12.00 17.10
C ASN A 153 18.82 -12.70 16.45
N ASN A 154 19.74 -13.29 17.23
CA ASN A 154 20.92 -13.96 16.68
C ASN A 154 21.69 -13.11 15.66
N ILE A 155 21.89 -11.84 15.99
CA ILE A 155 22.69 -10.88 15.15
C ILE A 155 23.90 -10.36 16.00
N PRO A 156 25.16 -10.59 15.63
CA PRO A 156 26.28 -10.14 16.44
C PRO A 156 26.28 -8.62 16.62
N VAL A 157 26.67 -8.20 17.82
CA VAL A 157 26.75 -6.79 18.19
C VAL A 157 28.13 -6.59 18.78
N ILE A 158 28.89 -5.68 18.19
CA ILE A 158 30.23 -5.35 18.65
C ILE A 158 30.12 -4.15 19.59
N ALA A 159 30.71 -4.26 20.78
CA ALA A 159 30.59 -3.21 21.79
C ALA A 159 31.83 -3.27 22.66
N GLN A 160 32.08 -2.15 23.35
CA GLN A 160 33.16 -2.05 24.33
C GLN A 160 32.62 -1.32 25.56
N HIS A 161 33.50 -1.16 26.55
CA HIS A 161 33.12 -0.58 27.83
C HIS A 161 32.53 0.82 27.67
N THR A 162 31.72 1.19 28.65
CA THR A 162 31.18 2.56 28.70
C THR A 162 32.31 3.57 28.66
N GLY A 163 32.21 4.49 27.71
CA GLY A 163 33.22 5.51 27.52
C GLY A 163 34.26 5.15 26.50
N ALA A 164 34.15 4.00 25.85
CA ALA A 164 35.14 3.60 24.86
C ALA A 164 35.11 4.57 23.68
N ASP A 165 36.22 4.60 22.94
CA ASP A 165 36.28 5.43 21.76
C ASP A 165 35.40 4.82 20.66
N SER A 166 34.38 5.58 20.21
CA SER A 166 33.46 5.07 19.19
C SER A 166 34.19 4.67 17.91
N ALA A 167 35.21 5.45 17.50
CA ALA A 167 35.91 5.09 16.29
C ALA A 167 36.64 3.76 16.45
N SER A 168 37.09 3.47 17.67
CA SER A 168 37.73 2.19 17.97
C SER A 168 36.71 1.04 17.87
N VAL A 169 35.53 1.21 18.49
CA VAL A 169 34.47 0.19 18.40
C VAL A 169 34.14 -0.10 16.95
N ILE A 170 33.98 0.94 16.15
CA ILE A 170 33.54 0.74 14.78
C ILE A 170 34.65 0.14 13.93
N PHE A 171 35.92 0.46 14.24
CA PHE A 171 37.05 -0.20 13.59
C PHE A 171 37.06 -1.69 13.89
N ASP A 172 36.99 -2.04 15.18
CA ASP A 172 36.92 -3.44 15.58
C ASP A 172 35.75 -4.13 14.90
N ALA A 173 34.61 -3.42 14.73
CA ALA A 173 33.45 -4.04 14.11
C ALA A 173 33.67 -4.32 12.63
N ILE A 174 34.29 -3.39 11.91
CA ILE A 174 34.59 -3.65 10.51
C ILE A 174 35.53 -4.83 10.38
N GLN A 175 36.55 -4.87 11.23
CA GLN A 175 37.50 -5.99 11.20
C GLN A 175 36.79 -7.32 11.42
N ALA A 176 35.89 -7.37 12.41
CA ALA A 176 35.15 -8.58 12.72
C ALA A 176 34.17 -8.92 11.61
N ALA A 177 33.51 -7.91 11.07
CA ALA A 177 32.59 -8.14 9.95
C ALA A 177 33.33 -8.77 8.75
N LYS A 178 34.52 -8.25 8.45
CA LYS A 178 35.30 -8.80 7.34
C LYS A 178 35.73 -10.24 7.61
N ALA A 179 36.17 -10.54 8.84
CA ALA A 179 36.60 -11.89 9.21
C ALA A 179 35.45 -12.89 9.18
N ARG A 180 34.22 -12.41 9.39
CA ARG A 180 33.06 -13.27 9.51
C ARG A 180 32.20 -13.23 8.27
N ASN A 181 32.69 -12.66 7.16
CA ASN A 181 31.94 -12.65 5.89
C ASN A 181 30.57 -12.02 6.04
N ILE A 182 30.51 -10.97 6.85
CA ILE A 182 29.26 -10.22 7.04
C ILE A 182 28.93 -9.43 5.79
N ASP A 183 27.64 -9.43 5.40
CA ASP A 183 27.20 -8.69 4.20
C ASP A 183 26.90 -7.22 4.50
N VAL A 184 26.27 -6.92 5.63
CA VAL A 184 25.93 -5.54 5.99
C VAL A 184 26.35 -5.30 7.42
N LEU A 185 27.16 -4.28 7.65
CA LEU A 185 27.50 -3.82 8.99
C LEU A 185 26.81 -2.48 9.24
N ILE A 186 26.01 -2.41 10.29
CA ILE A 186 25.25 -1.18 10.62
C ILE A 186 25.84 -0.61 11.92
N ALA A 187 26.39 0.58 11.84
CA ALA A 187 27.14 1.18 12.94
C ALA A 187 26.30 2.31 13.54
N ASP A 188 25.85 2.11 14.78
CA ASP A 188 25.24 3.18 15.55
C ASP A 188 26.29 4.22 15.97
N THR A 189 25.81 5.44 16.24
CA THR A 189 26.66 6.54 16.70
C THR A 189 25.93 7.31 17.79
N ALA A 190 26.70 8.14 18.46
CA ALA A 190 26.11 8.94 19.53
C ALA A 190 25.18 10.02 18.88
N GLY A 191 24.07 10.35 19.51
CA GLY A 191 23.22 11.42 19.02
C GLY A 191 22.91 12.48 20.14
N ARG A 192 23.88 12.80 21.00
CA ARG A 192 23.59 13.81 22.07
C ARG A 192 23.30 15.19 21.47
N LEU A 193 22.46 16.00 22.12
CA LEU A 193 22.14 17.36 21.56
C LEU A 193 23.23 18.40 21.98
N GLN A 194 23.70 18.32 23.21
CA GLN A 194 24.74 19.32 23.66
C GLN A 194 26.01 19.25 22.80
N ASN A 195 26.56 20.42 22.64
CA ASN A 195 27.83 20.59 21.97
C ASN A 195 27.83 19.84 20.64
N LYS A 196 27.18 20.48 19.67
CA LYS A 196 27.14 19.99 18.24
C LYS A 196 28.53 19.81 17.55
N SER A 197 29.47 20.69 17.87
CA SER A 197 30.80 20.64 17.26
C SER A 197 31.56 19.39 17.68
N HIS A 198 31.39 18.95 18.92
CA HIS A 198 32.06 17.73 19.38
C HIS A 198 31.54 16.52 18.59
N LEU A 199 30.22 16.38 18.50
CA LEU A 199 29.66 15.22 17.80
C LEU A 199 30.14 15.16 16.36
N MET A 200 30.17 16.31 15.68
CA MET A 200 30.57 16.31 14.28
C MET A 200 32.02 15.87 14.11
N GLU A 201 32.94 16.36 14.96
CA GLU A 201 34.32 15.91 14.84
C GLU A 201 34.45 14.43 15.18
N GLU A 202 33.62 13.93 16.10
CA GLU A 202 33.59 12.51 16.39
C GLU A 202 33.22 11.69 15.16
N LEU A 203 32.20 12.13 14.42
CA LEU A 203 31.82 11.42 13.20
C LEU A 203 32.92 11.48 12.14
N LYS A 204 33.57 12.62 11.98
CA LYS A 204 34.66 12.68 11.01
C LYS A 204 35.79 11.73 11.37
N LYS A 205 36.09 11.59 12.68
CA LYS A 205 37.07 10.63 13.16
C LYS A 205 36.68 9.19 12.83
N ILE A 206 35.39 8.87 13.03
CA ILE A 206 34.92 7.54 12.72
C ILE A 206 35.15 7.24 11.26
N VAL A 207 34.82 8.20 10.39
CA VAL A 207 34.96 7.96 8.95
C VAL A 207 36.42 7.77 8.59
N ARG A 208 37.32 8.59 9.15
CA ARG A 208 38.73 8.44 8.83
C ARG A 208 39.28 7.11 9.32
N VAL A 209 38.86 6.67 10.51
CA VAL A 209 39.35 5.40 11.03
C VAL A 209 38.83 4.22 10.20
N MET A 210 37.55 4.29 9.79
CA MET A 210 37.02 3.27 8.88
C MET A 210 37.91 3.09 7.66
N LYS A 211 38.39 4.19 7.13
CA LYS A 211 39.07 4.10 5.87
C LYS A 211 40.45 3.46 6.02
N LYS A 212 40.92 3.25 7.26
CA LYS A 212 42.10 2.42 7.48
C LYS A 212 41.86 0.97 7.08
N LEU A 213 40.62 0.50 7.13
CA LEU A 213 40.30 -0.87 6.73
C LEU A 213 39.65 -0.98 5.36
N ASP A 214 38.91 0.04 4.91
CA ASP A 214 38.25 0.02 3.62
C ASP A 214 38.01 1.46 3.18
N VAL A 215 38.67 1.88 2.09
CA VAL A 215 38.52 3.29 1.72
C VAL A 215 37.13 3.61 1.17
N GLU A 216 36.35 2.62 0.75
CA GLU A 216 34.97 2.86 0.30
C GLU A 216 34.02 3.02 1.47
N ALA A 217 34.44 2.71 2.66
CA ALA A 217 33.56 2.75 3.82
C ALA A 217 33.57 4.15 4.43
N PRO A 218 32.45 4.68 4.94
CA PRO A 218 31.14 4.00 4.94
C PRO A 218 30.45 4.05 3.56
N HIS A 219 29.80 2.98 3.12
CA HIS A 219 29.21 2.97 1.78
C HIS A 219 27.92 3.79 1.76
N GLU A 220 27.26 3.88 2.89
CA GLU A 220 26.07 4.72 3.07
C GLU A 220 26.25 5.48 4.36
N VAL A 221 26.04 6.79 4.32
CA VAL A 221 25.91 7.60 5.52
C VAL A 221 24.44 7.98 5.61
N MET A 222 23.73 7.33 6.52
CA MET A 222 22.28 7.43 6.65
C MET A 222 21.90 8.30 7.84
N LEU A 223 21.18 9.37 7.57
CA LEU A 223 20.53 10.17 8.59
C LEU A 223 19.15 9.59 8.90
N THR A 224 18.80 9.55 10.18
CA THR A 224 17.41 9.33 10.60
C THR A 224 16.89 10.62 11.23
N ILE A 225 15.72 11.05 10.77
CA ILE A 225 14.99 12.19 11.31
C ILE A 225 13.53 11.77 11.47
N ASP A 226 12.81 12.54 12.28
CA ASP A 226 11.49 12.21 12.77
C ASP A 226 10.52 13.27 12.25
N ALA A 227 9.54 12.87 11.47
CA ALA A 227 8.71 13.85 10.79
C ALA A 227 7.92 14.67 11.81
N SER A 228 7.61 14.09 12.97
CA SER A 228 6.85 14.82 13.98
C SER A 228 7.62 16.01 14.55
N THR A 229 8.93 16.12 14.29
CA THR A 229 9.72 17.24 14.79
C THR A 229 9.76 18.40 13.81
N GLY A 230 9.00 18.32 12.72
CA GLY A 230 8.87 19.45 11.80
C GLY A 230 10.19 20.00 11.32
N GLN A 231 10.35 21.32 11.44
CA GLN A 231 11.54 21.99 10.89
C GLN A 231 12.83 21.58 11.57
N ASN A 232 12.77 21.10 12.81
CA ASN A 232 13.97 20.57 13.46
C ASN A 232 14.59 19.44 12.65
N ALA A 233 13.77 18.71 11.90
CA ALA A 233 14.28 17.68 11.01
C ALA A 233 15.18 18.30 9.95
N VAL A 234 14.75 19.45 9.42
CA VAL A 234 15.53 20.13 8.39
C VAL A 234 16.85 20.62 8.96
N SER A 235 16.79 21.23 10.14
CA SER A 235 18.01 21.74 10.75
C SER A 235 18.98 20.61 11.08
N GLN A 236 18.46 19.47 11.55
CA GLN A 236 19.33 18.33 11.79
C GLN A 236 19.96 17.84 10.50
N ALA A 237 19.16 17.67 9.44
CA ALA A 237 19.74 17.27 8.16
C ALA A 237 20.88 18.21 7.77
N LYS A 238 20.69 19.51 7.91
CA LYS A 238 21.72 20.44 7.47
C LYS A 238 23.03 20.22 8.25
N LEU A 239 22.93 20.17 9.58
CA LEU A 239 24.08 19.93 10.44
C LEU A 239 24.85 18.68 10.05
N PHE A 240 24.17 17.54 10.01
CA PHE A 240 24.87 16.32 9.71
C PHE A 240 25.40 16.31 8.29
N HIS A 241 24.68 16.90 7.34
CA HIS A 241 25.16 16.87 5.96
C HIS A 241 26.45 17.67 5.82
N GLU A 242 26.52 18.82 6.48
CA GLU A 242 27.71 19.67 6.35
C GLU A 242 28.93 19.04 7.01
N ALA A 243 28.67 18.34 8.11
CA ALA A 243 29.78 17.69 8.86
C ALA A 243 30.40 16.50 8.00
N VAL A 244 29.68 15.34 7.91
CA VAL A 244 30.15 14.06 7.25
C VAL A 244 29.67 13.70 5.79
N GLY A 245 28.68 14.42 5.24
CA GLY A 245 28.18 14.13 3.90
C GLY A 245 27.27 12.90 3.84
N LEU A 246 25.99 13.18 3.91
CA LEU A 246 24.94 12.18 3.89
C LEU A 246 24.81 11.59 2.50
N THR A 247 24.45 10.29 2.42
CA THR A 247 24.08 9.70 1.16
C THR A 247 22.67 9.15 1.16
N GLY A 248 22.00 9.14 2.31
CA GLY A 248 20.65 8.62 2.41
C GLY A 248 19.97 9.15 3.65
N ILE A 249 18.65 9.22 3.60
CA ILE A 249 17.84 9.69 4.72
C ILE A 249 16.72 8.68 4.99
N THR A 250 16.42 8.42 6.26
CA THR A 250 15.22 7.73 6.71
C THR A 250 14.39 8.73 7.48
N LEU A 251 13.11 8.87 7.09
CA LEU A 251 12.20 9.79 7.77
C LEU A 251 11.17 8.95 8.51
N THR A 252 11.23 8.97 9.83
CA THR A 252 10.38 8.15 10.67
C THR A 252 9.15 8.93 11.13
N LYS A 253 8.21 8.18 11.71
CA LYS A 253 7.07 8.70 12.47
C LYS A 253 6.15 9.53 11.60
N LEU A 254 5.98 9.12 10.35
CA LEU A 254 5.03 9.84 9.50
C LEU A 254 3.59 9.63 9.98
N ASP A 255 3.30 8.45 10.51
CA ASP A 255 1.95 8.17 11.00
C ASP A 255 1.64 9.01 12.23
N GLY A 256 0.48 9.67 12.23
CA GLY A 256 0.04 10.42 13.38
C GLY A 256 0.60 11.82 13.54
N THR A 257 1.38 12.33 12.58
CA THR A 257 1.85 13.71 12.66
C THR A 257 1.22 14.55 11.55
N ALA A 258 0.82 15.78 11.90
CA ALA A 258 0.34 16.70 10.88
C ALA A 258 1.48 17.38 10.14
N LYS A 259 2.72 17.05 10.46
CA LYS A 259 3.90 17.72 9.93
C LYS A 259 4.59 16.91 8.84
N GLY A 260 3.92 15.87 8.30
CA GLY A 260 4.55 15.03 7.29
C GLY A 260 5.04 15.80 6.09
N GLY A 261 4.45 16.98 5.84
CA GLY A 261 4.88 17.83 4.75
C GLY A 261 6.30 18.31 4.86
N VAL A 262 6.96 18.10 6.01
CA VAL A 262 8.38 18.38 6.07
C VAL A 262 9.21 17.56 5.08
N ILE A 263 8.67 16.45 4.58
CA ILE A 263 9.41 15.62 3.59
C ILE A 263 9.79 16.47 2.37
N PHE A 264 8.86 17.36 1.94
CA PHE A 264 9.12 18.19 0.78
C PHE A 264 10.28 19.14 1.02
N SER A 265 10.37 19.67 2.23
CA SER A 265 11.45 20.57 2.54
C SER A 265 12.77 19.82 2.54
N VAL A 266 12.78 18.66 3.18
CA VAL A 266 13.98 17.81 3.21
C VAL A 266 14.42 17.45 1.80
N ALA A 267 13.46 17.08 0.95
CA ALA A 267 13.80 16.66 -0.40
C ALA A 267 14.35 17.80 -1.22
N ASP A 268 13.70 18.96 -1.15
CA ASP A 268 14.03 20.09 -2.00
C ASP A 268 15.31 20.78 -1.55
N GLN A 269 15.53 20.89 -0.24
CA GLN A 269 16.68 21.63 0.24
C GLN A 269 17.97 20.86 0.05
N PHE A 270 17.94 19.52 0.10
CA PHE A 270 19.19 18.77 0.07
C PHE A 270 19.38 17.86 -1.13
N GLY A 271 18.32 17.36 -1.75
CA GLY A 271 18.48 16.47 -2.88
C GLY A 271 19.12 15.13 -2.55
N ILE A 272 19.15 14.77 -1.28
CA ILE A 272 19.66 13.49 -0.81
C ILE A 272 18.57 12.43 -0.92
N PRO A 273 18.87 11.25 -1.42
CA PRO A 273 17.86 10.20 -1.50
C PRO A 273 17.19 9.97 -0.14
N ILE A 274 15.87 9.87 -0.18
CA ILE A 274 15.13 9.42 0.99
C ILE A 274 14.99 7.93 0.79
N ARG A 275 15.74 7.14 1.56
CA ARG A 275 15.75 5.71 1.31
C ARG A 275 14.50 5.02 1.83
N TYR A 276 14.04 5.40 3.03
CA TYR A 276 12.97 4.72 3.73
C TYR A 276 12.09 5.75 4.44
N ILE A 277 10.78 5.43 4.54
CA ILE A 277 9.88 6.18 5.42
C ILE A 277 9.27 5.21 6.43
N GLY A 278 9.10 5.69 7.66
CA GLY A 278 8.56 4.91 8.76
C GLY A 278 7.11 5.31 8.92
N VAL A 279 6.22 4.34 8.72
CA VAL A 279 4.79 4.64 8.68
C VAL A 279 4.04 3.73 9.65
N GLY A 280 4.76 3.15 10.58
CA GLY A 280 4.12 2.35 11.59
C GLY A 280 5.11 1.52 12.36
N GLU A 281 4.55 0.67 13.22
CA GLU A 281 5.34 -0.05 14.21
C GLU A 281 6.00 -1.33 13.67
N ARG A 282 5.53 -1.87 12.55
CA ARG A 282 6.06 -3.14 12.08
C ARG A 282 7.44 -2.96 11.44
N ILE A 283 8.19 -4.06 11.41
CA ILE A 283 9.40 -4.12 10.58
C ILE A 283 9.08 -3.68 9.16
N GLU A 284 7.99 -4.21 8.60
CA GLU A 284 7.57 -3.87 7.24
C GLU A 284 7.10 -2.45 7.10
N ASP A 285 6.83 -1.75 8.19
CA ASP A 285 6.40 -0.37 8.09
C ASP A 285 7.55 0.61 7.92
N LEU A 286 8.80 0.14 8.03
CA LEU A 286 9.92 0.91 7.51
C LEU A 286 9.96 0.58 6.04
N ARG A 287 9.40 1.45 5.23
CA ARG A 287 9.10 1.14 3.86
C ARG A 287 10.11 1.81 2.93
N PRO A 288 10.56 1.17 1.87
CA PRO A 288 11.36 1.93 0.90
C PRO A 288 10.52 3.09 0.38
N PHE A 289 11.16 4.24 0.24
CA PHE A 289 10.44 5.43 -0.19
C PHE A 289 10.20 5.36 -1.71
N LYS A 290 8.93 5.46 -2.10
CA LYS A 290 8.51 5.49 -3.49
C LYS A 290 7.67 6.77 -3.68
N ALA A 291 8.22 7.72 -4.43
CA ALA A 291 7.65 9.05 -4.51
C ALA A 291 6.23 9.01 -5.07
N ASP A 292 6.00 8.21 -6.14
CA ASP A 292 4.69 8.32 -6.78
C ASP A 292 3.60 7.73 -5.89
N ASP A 293 3.90 6.64 -5.17
CA ASP A 293 2.99 6.13 -4.13
C ASP A 293 2.65 7.21 -3.11
N PHE A 294 3.66 7.90 -2.61
CA PHE A 294 3.44 8.91 -1.60
C PHE A 294 2.52 9.99 -2.13
N ILE A 295 2.82 10.49 -3.34
CA ILE A 295 2.00 11.53 -3.93
C ILE A 295 0.57 11.04 -4.12
N GLU A 296 0.41 9.80 -4.57
CA GLU A 296 -0.93 9.30 -4.87
C GLU A 296 -1.78 9.27 -3.62
N ALA A 297 -1.21 8.74 -2.53
CA ALA A 297 -1.87 8.69 -1.23
C ALA A 297 -2.21 10.09 -0.74
N LEU A 298 -1.28 11.03 -0.92
CA LEU A 298 -1.47 12.39 -0.46
C LEU A 298 -2.56 13.11 -1.23
N PHE A 299 -2.54 13.00 -2.57
CA PHE A 299 -3.42 13.80 -3.43
C PHE A 299 -4.69 13.07 -3.82
N ALA A 300 -4.84 11.82 -3.39
CA ALA A 300 -6.04 11.06 -3.75
C ALA A 300 -7.29 11.81 -3.31
N ARG A 301 -8.25 11.91 -4.22
CA ARG A 301 -9.42 12.74 -4.03
C ARG A 301 -10.71 11.93 -4.16
N GLY B 1 -10.07 -7.57 12.71
CA GLY B 1 -8.85 -6.86 12.38
C GLY B 1 -7.80 -7.64 11.59
N PHE B 2 -6.57 -7.12 11.59
CA PHE B 2 -5.52 -7.70 10.76
C PHE B 2 -5.17 -9.12 11.18
N ALA B 3 -5.31 -9.46 12.46
CA ALA B 3 -4.91 -10.80 12.87
C ALA B 3 -5.89 -11.84 12.32
N ARG B 4 -7.19 -11.55 12.35
CA ARG B 4 -8.18 -12.42 11.75
C ARG B 4 -7.96 -12.57 10.25
N LEU B 5 -7.56 -11.48 9.58
CA LEU B 5 -7.32 -11.55 8.15
C LEU B 5 -6.16 -12.48 7.83
N LYS B 6 -5.06 -12.38 8.58
CA LYS B 6 -3.95 -13.30 8.38
C LYS B 6 -4.40 -14.75 8.58
N ARG B 7 -5.14 -15.02 9.65
CA ARG B 7 -5.57 -16.40 9.91
C ARG B 7 -6.45 -16.90 8.79
N SER B 8 -7.30 -16.03 8.23
CA SER B 8 -8.22 -16.51 7.22
C SER B 8 -7.50 -16.93 5.94
N LEU B 9 -6.29 -16.45 5.72
CA LEU B 9 -5.51 -16.71 4.52
C LEU B 9 -4.46 -17.79 4.71
N LEU B 10 -4.45 -18.46 5.86
CA LEU B 10 -3.37 -19.40 6.16
C LEU B 10 -3.23 -20.48 5.08
N LYS B 11 -4.36 -20.97 4.54
CA LYS B 11 -4.26 -22.04 3.54
C LYS B 11 -3.65 -21.53 2.23
N THR B 12 -4.03 -20.33 1.80
CA THR B 12 -3.40 -19.77 0.61
C THR B 12 -1.95 -19.40 0.90
N LYS B 13 -1.62 -19.01 2.13
CA LYS B 13 -0.24 -18.68 2.51
C LYS B 13 0.68 -19.88 2.46
N GLU B 14 0.15 -21.10 2.35
CA GLU B 14 1.03 -22.26 2.20
C GLU B 14 1.85 -22.16 0.92
N ASN B 15 1.24 -21.64 -0.15
CA ASN B 15 1.93 -21.59 -1.46
C ASN B 15 2.23 -20.16 -1.99
N LEU B 16 1.53 -19.16 -1.48
CA LEU B 16 1.80 -17.78 -1.89
C LEU B 16 2.23 -16.95 -0.70
N GLY B 17 2.91 -15.85 -0.99
CA GLY B 17 3.31 -14.95 0.05
C GLY B 17 4.37 -15.60 0.94
N SER B 18 4.09 -15.73 2.24
CA SER B 18 5.06 -16.36 3.13
C SER B 18 5.31 -17.80 2.73
N GLY B 19 4.44 -18.38 1.92
CA GLY B 19 4.69 -19.71 1.39
C GLY B 19 5.90 -19.77 0.47
N PHE B 20 6.37 -18.63 -0.05
CA PHE B 20 7.56 -18.60 -0.89
C PHE B 20 8.85 -18.79 -0.10
N ILE B 21 8.81 -18.60 1.23
CA ILE B 21 10.06 -18.49 1.99
C ILE B 21 10.83 -19.80 1.96
N SER B 22 10.16 -20.91 2.25
CA SER B 22 10.87 -22.19 2.22
C SER B 22 11.33 -22.53 0.81
N LEU B 23 10.64 -22.01 -0.20
CA LEU B 23 11.06 -22.27 -1.58
C LEU B 23 12.39 -21.62 -1.91
N PHE B 24 12.68 -20.45 -1.34
CA PHE B 24 13.86 -19.69 -1.68
C PHE B 24 15.04 -19.97 -0.76
N ARG B 25 14.79 -20.51 0.44
CA ARG B 25 15.79 -20.73 1.48
C ARG B 25 16.99 -21.51 0.96
N GLY B 26 18.15 -20.83 0.92
CA GLY B 26 19.40 -21.44 0.56
C GLY B 26 19.59 -21.78 -0.90
N LYS B 27 18.70 -21.32 -1.78
CA LYS B 27 18.80 -21.63 -3.20
C LYS B 27 19.58 -20.54 -3.95
N LYS B 28 20.12 -20.92 -5.11
CA LYS B 28 20.72 -19.97 -6.04
C LYS B 28 19.64 -19.45 -6.97
N ILE B 29 19.91 -18.29 -7.59
CA ILE B 29 18.98 -17.70 -8.55
C ILE B 29 19.38 -18.25 -9.90
N ASP B 30 18.61 -19.22 -10.39
CA ASP B 30 18.86 -19.86 -11.67
C ASP B 30 17.53 -20.40 -12.21
N ASP B 31 17.58 -21.04 -13.39
CA ASP B 31 16.35 -21.45 -14.06
C ASP B 31 15.62 -22.53 -13.27
N ASP B 32 16.35 -23.42 -12.60
CA ASP B 32 15.67 -24.40 -11.76
C ASP B 32 14.77 -23.69 -10.76
N LEU B 33 15.27 -22.61 -10.15
CA LEU B 33 14.46 -21.92 -9.15
C LEU B 33 13.24 -21.25 -9.78
N PHE B 34 13.43 -20.54 -10.90
CA PHE B 34 12.30 -19.88 -11.53
C PHE B 34 11.30 -20.90 -12.04
N GLU B 35 11.78 -22.07 -12.48
CA GLU B 35 10.85 -23.11 -12.89
C GLU B 35 10.00 -23.60 -11.73
N GLU B 36 10.62 -23.81 -10.57
CA GLU B 36 9.87 -24.22 -9.40
C GLU B 36 8.89 -23.16 -8.98
N LEU B 37 9.28 -21.90 -9.10
CA LEU B 37 8.41 -20.83 -8.65
C LEU B 37 7.23 -20.68 -9.58
N GLU B 38 7.49 -20.71 -10.88
CA GLU B 38 6.41 -20.71 -11.87
C GLU B 38 5.42 -21.83 -11.59
N GLU B 39 5.91 -23.04 -11.34
CA GLU B 39 5.01 -24.16 -11.05
C GLU B 39 4.18 -23.86 -9.79
N GLN B 40 4.82 -23.30 -8.77
CA GLN B 40 4.10 -22.99 -7.54
C GLN B 40 3.04 -21.91 -7.79
N LEU B 41 3.33 -20.91 -8.61
CA LEU B 41 2.31 -19.90 -8.90
C LEU B 41 1.13 -20.50 -9.66
N LEU B 42 1.41 -21.39 -10.63
CA LEU B 42 0.36 -22.02 -11.41
C LEU B 42 -0.51 -22.93 -10.57
N ILE B 43 0.12 -23.70 -9.66
CA ILE B 43 -0.65 -24.56 -8.75
C ILE B 43 -1.59 -23.74 -7.89
N ALA B 44 -1.14 -22.56 -7.44
CA ALA B 44 -1.94 -21.63 -6.66
C ALA B 44 -3.03 -20.89 -7.46
N ASP B 45 -3.24 -21.22 -8.75
CA ASP B 45 -4.29 -20.65 -9.61
C ASP B 45 -4.00 -19.19 -10.01
N VAL B 46 -2.72 -18.81 -10.06
CA VAL B 46 -2.39 -17.46 -10.53
C VAL B 46 -2.61 -17.32 -12.03
N GLY B 47 -2.49 -18.38 -12.78
CA GLY B 47 -2.83 -18.26 -14.17
C GLY B 47 -1.60 -18.20 -15.06
N VAL B 48 -1.72 -18.77 -16.26
CA VAL B 48 -0.57 -18.91 -17.14
C VAL B 48 -0.01 -17.54 -17.53
N GLU B 49 -0.88 -16.67 -18.02
CA GLU B 49 -0.44 -15.36 -18.51
C GLU B 49 0.08 -14.49 -17.38
N THR B 50 -0.63 -14.42 -16.26
CA THR B 50 -0.18 -13.61 -15.13
C THR B 50 1.11 -14.15 -14.53
N THR B 51 1.25 -15.48 -14.44
CA THR B 51 2.49 -16.06 -13.94
C THR B 51 3.66 -15.73 -14.86
N ARG B 52 3.46 -15.83 -16.16
CA ARG B 52 4.53 -15.47 -17.08
C ARG B 52 4.99 -14.04 -16.86
N LYS B 53 4.04 -13.12 -16.62
CA LYS B 53 4.39 -11.72 -16.41
C LYS B 53 5.19 -11.55 -15.12
N ILE B 54 4.75 -12.22 -14.06
CA ILE B 54 5.44 -12.11 -12.78
C ILE B 54 6.86 -12.64 -12.92
N ILE B 55 7.02 -13.84 -13.48
CA ILE B 55 8.32 -14.47 -13.61
C ILE B 55 9.23 -13.63 -14.48
N THR B 56 8.69 -13.10 -15.58
CA THR B 56 9.52 -12.26 -16.46
C THR B 56 10.01 -11.02 -15.71
N ASN B 57 9.09 -10.34 -15.05
CA ASN B 57 9.49 -9.10 -14.35
C ASN B 57 10.48 -9.43 -13.19
N LEU B 58 10.25 -10.55 -12.53
CA LEU B 58 11.10 -10.92 -11.41
C LEU B 58 12.51 -11.24 -11.90
N THR B 59 12.61 -12.02 -12.98
CA THR B 59 13.90 -12.38 -13.55
C THR B 59 14.68 -11.13 -13.96
N GLU B 60 14.01 -10.19 -14.63
CA GLU B 60 14.67 -8.96 -15.08
C GLU B 60 15.09 -8.10 -13.90
N GLY B 61 14.24 -7.99 -12.88
CA GLY B 61 14.58 -7.16 -11.73
C GLY B 61 15.69 -7.78 -10.90
N ALA B 62 15.75 -9.10 -10.85
CA ALA B 62 16.85 -9.77 -10.14
C ALA B 62 18.17 -9.46 -10.81
N SER B 63 18.20 -9.59 -12.13
CA SER B 63 19.40 -9.26 -12.89
C SER B 63 19.82 -7.80 -12.66
N ARG B 64 18.90 -6.86 -12.84
CA ARG B 64 19.25 -5.44 -12.76
C ARG B 64 19.76 -5.08 -11.38
N LYS B 65 19.17 -5.66 -10.35
CA LYS B 65 19.61 -5.39 -9.00
C LYS B 65 20.85 -6.20 -8.61
N GLN B 66 21.28 -7.13 -9.48
CA GLN B 66 22.45 -7.99 -9.28
C GLN B 66 22.34 -8.80 -7.99
N LEU B 67 21.18 -9.44 -7.83
CA LEU B 67 20.92 -10.18 -6.61
C LEU B 67 21.73 -11.47 -6.57
N ARG B 68 22.14 -11.84 -5.38
CA ARG B 68 23.00 -12.99 -5.15
C ARG B 68 22.21 -14.15 -4.58
N ASP B 69 21.25 -13.83 -3.72
CA ASP B 69 20.58 -14.82 -2.87
C ASP B 69 19.13 -14.91 -3.28
N ALA B 70 18.66 -16.13 -3.48
CA ALA B 70 17.24 -16.36 -3.78
C ALA B 70 16.31 -15.74 -2.74
N GLU B 71 16.74 -15.70 -1.47
CA GLU B 71 15.91 -15.12 -0.42
C GLU B 71 15.49 -13.70 -0.78
N ALA B 72 16.33 -12.97 -1.52
CA ALA B 72 16.08 -11.60 -1.86
C ALA B 72 15.02 -11.44 -2.95
N LEU B 73 14.66 -12.53 -3.64
CA LEU B 73 13.52 -12.50 -4.55
C LEU B 73 12.21 -12.20 -3.83
N TYR B 74 12.11 -12.47 -2.52
CA TYR B 74 10.84 -12.33 -1.81
C TYR B 74 10.27 -10.91 -1.94
N GLY B 75 11.09 -9.90 -1.64
CA GLY B 75 10.60 -8.53 -1.67
C GLY B 75 10.22 -8.07 -3.07
N LEU B 76 10.96 -8.54 -4.08
CA LEU B 76 10.64 -8.19 -5.46
C LEU B 76 9.31 -8.80 -5.85
N LEU B 77 9.07 -10.03 -5.42
CA LEU B 77 7.82 -10.72 -5.75
C LEU B 77 6.65 -10.09 -5.01
N LYS B 78 6.84 -9.70 -3.74
CA LYS B 78 5.83 -8.95 -3.02
C LYS B 78 5.49 -7.65 -3.73
N GLU B 79 6.49 -6.95 -4.28
CA GLU B 79 6.21 -5.75 -5.03
C GLU B 79 5.47 -6.06 -6.34
N GLU B 80 5.89 -7.10 -7.08
CA GLU B 80 5.24 -7.41 -8.35
C GLU B 80 3.79 -7.82 -8.11
N MET B 81 3.56 -8.69 -7.15
CA MET B 81 2.18 -9.13 -6.92
C MET B 81 1.35 -8.02 -6.30
N GLY B 82 2.00 -7.15 -5.51
CA GLY B 82 1.31 -6.01 -4.94
C GLY B 82 0.89 -5.01 -5.99
N GLU B 83 1.69 -4.86 -7.04
CA GLU B 83 1.35 -3.92 -8.09
C GLU B 83 0.15 -4.42 -8.90
N ILE B 84 0.05 -5.74 -9.10
CA ILE B 84 -1.11 -6.28 -9.81
C ILE B 84 -2.38 -5.90 -9.07
N LEU B 85 -2.38 -6.03 -7.76
CA LEU B 85 -3.58 -5.75 -7.00
C LEU B 85 -3.80 -4.26 -6.79
N ALA B 86 -2.73 -3.47 -6.71
CA ALA B 86 -2.88 -2.02 -6.60
C ALA B 86 -3.68 -1.44 -7.78
N LYS B 87 -3.52 -1.99 -8.96
CA LYS B 87 -4.20 -1.46 -10.12
C LYS B 87 -5.72 -1.70 -10.10
N VAL B 88 -6.25 -2.53 -9.19
CA VAL B 88 -7.70 -2.78 -9.11
C VAL B 88 -8.20 -2.47 -7.71
N ASP B 89 -7.54 -1.53 -7.04
CA ASP B 89 -7.77 -1.21 -5.63
C ASP B 89 -8.71 -0.01 -5.41
N GLU B 90 -9.59 0.31 -6.34
CA GLU B 90 -10.52 1.43 -6.18
C GLU B 90 -11.76 1.01 -5.40
N PRO B 91 -12.04 1.62 -4.24
CA PRO B 91 -13.18 1.17 -3.44
C PRO B 91 -14.49 1.56 -4.11
N LEU B 92 -15.53 0.81 -3.80
CA LEU B 92 -16.86 1.19 -4.23
C LEU B 92 -17.36 2.30 -3.33
N ASN B 93 -17.82 3.37 -3.95
CA ASN B 93 -18.43 4.52 -3.25
C ASN B 93 -19.89 4.60 -3.70
N VAL B 94 -20.83 4.32 -2.80
CA VAL B 94 -22.26 4.26 -3.17
C VAL B 94 -23.00 5.53 -2.75
N GLU B 95 -22.26 6.57 -2.42
CA GLU B 95 -22.89 7.80 -1.92
C GLU B 95 -23.41 8.75 -2.97
N GLY B 96 -24.31 9.63 -2.52
CA GLY B 96 -24.82 10.72 -3.33
C GLY B 96 -25.82 10.51 -4.50
N LYS B 97 -26.46 9.31 -4.62
CA LYS B 97 -27.47 8.94 -5.67
C LYS B 97 -28.86 8.58 -4.98
N ALA B 98 -30.00 8.62 -5.72
CA ALA B 98 -31.37 8.35 -5.21
C ALA B 98 -32.19 7.41 -6.14
N PRO B 99 -31.92 6.10 -6.23
CA PRO B 99 -30.94 5.33 -5.44
C PRO B 99 -29.58 5.08 -6.19
N PHE B 100 -28.52 4.62 -5.51
CA PHE B 100 -27.23 4.19 -6.15
C PHE B 100 -27.65 2.78 -6.57
N VAL B 101 -27.59 2.47 -7.86
CA VAL B 101 -28.06 1.16 -8.32
C VAL B 101 -26.87 0.24 -8.55
N ILE B 102 -26.87 -0.89 -7.85
CA ILE B 102 -25.90 -1.96 -8.06
C ILE B 102 -26.59 -3.10 -8.77
N LEU B 103 -26.11 -3.44 -9.93
CA LEU B 103 -26.61 -4.60 -10.66
C LEU B 103 -25.66 -5.77 -10.39
N MET B 104 -26.16 -6.77 -9.70
CA MET B 104 -25.37 -7.93 -9.27
C MET B 104 -25.48 -9.02 -10.32
N VAL B 105 -24.35 -9.35 -10.94
CA VAL B 105 -24.29 -10.40 -11.93
C VAL B 105 -23.34 -11.50 -11.47
N GLY B 106 -23.52 -12.66 -12.08
CA GLY B 106 -22.74 -13.83 -11.72
C GLY B 106 -23.57 -15.08 -11.79
N VAL B 107 -22.92 -16.23 -11.70
CA VAL B 107 -23.64 -17.50 -11.78
C VAL B 107 -24.26 -17.79 -10.43
N ASN B 108 -25.08 -18.82 -10.40
CA ASN B 108 -25.73 -19.21 -9.14
C ASN B 108 -24.72 -20.07 -8.34
N GLY B 109 -24.81 -20.03 -7.04
CA GLY B 109 -23.97 -20.86 -6.18
C GLY B 109 -22.52 -20.42 -5.99
N VAL B 110 -22.22 -19.12 -6.09
CA VAL B 110 -20.87 -18.59 -5.82
C VAL B 110 -20.91 -17.50 -4.75
N GLY B 111 -22.03 -17.37 -4.05
CA GLY B 111 -22.15 -16.40 -2.97
C GLY B 111 -22.74 -15.08 -3.39
N LYS B 112 -23.33 -15.02 -4.59
CA LYS B 112 -23.97 -13.79 -5.06
C LYS B 112 -25.05 -13.34 -4.08
N THR B 113 -25.95 -14.24 -3.70
CA THR B 113 -27.06 -13.85 -2.85
C THR B 113 -26.59 -13.58 -1.42
N THR B 114 -25.63 -14.35 -0.93
CA THR B 114 -24.99 -14.03 0.33
C THR B 114 -24.40 -12.63 0.31
N THR B 115 -23.70 -12.28 -0.77
CA THR B 115 -23.05 -10.98 -0.90
C THR B 115 -24.09 -9.85 -0.90
N ILE B 116 -25.18 -10.02 -1.64
CA ILE B 116 -26.29 -9.07 -1.58
C ILE B 116 -26.72 -8.78 -0.14
N GLY B 117 -26.96 -9.83 0.66
CA GLY B 117 -27.40 -9.61 2.03
C GLY B 117 -26.35 -8.90 2.87
N LYS B 118 -25.09 -9.33 2.74
CA LYS B 118 -24.06 -8.69 3.55
C LYS B 118 -23.91 -7.23 3.17
N LEU B 119 -23.87 -6.92 1.86
CA LEU B 119 -23.76 -5.52 1.46
C LEU B 119 -24.93 -4.72 1.98
N ALA B 120 -26.13 -5.29 1.90
CA ALA B 120 -27.30 -4.56 2.37
C ALA B 120 -27.17 -4.21 3.85
N ARG B 121 -26.74 -5.17 4.66
CA ARG B 121 -26.59 -4.91 6.09
C ARG B 121 -25.47 -3.91 6.35
N GLN B 122 -24.38 -4.00 5.60
CA GLN B 122 -23.29 -3.06 5.82
C GLN B 122 -23.74 -1.64 5.53
N PHE B 123 -24.42 -1.45 4.39
CA PHE B 123 -24.90 -0.13 4.01
C PHE B 123 -25.89 0.40 5.05
N GLU B 124 -26.79 -0.47 5.53
CA GLU B 124 -27.74 -0.05 6.56
C GLU B 124 -27.01 0.38 7.82
N GLN B 125 -25.98 -0.37 8.20
CA GLN B 125 -25.20 -0.05 9.37
C GLN B 125 -24.54 1.32 9.24
N GLN B 126 -24.25 1.74 8.02
CA GLN B 126 -23.64 3.03 7.74
C GLN B 126 -24.68 4.15 7.67
N GLY B 127 -25.94 3.86 7.96
CA GLY B 127 -26.97 4.88 7.95
C GLY B 127 -27.71 5.05 6.64
N LYS B 128 -27.44 4.19 5.64
CA LYS B 128 -28.12 4.27 4.36
C LYS B 128 -29.35 3.37 4.35
N SER B 129 -30.37 3.80 3.60
CA SER B 129 -31.53 2.97 3.36
C SER B 129 -31.30 2.10 2.11
N VAL B 130 -31.83 0.91 2.14
CA VAL B 130 -31.53 -0.10 1.12
C VAL B 130 -32.81 -0.74 0.66
N MET B 131 -32.86 -1.07 -0.62
CA MET B 131 -33.93 -1.86 -1.21
C MET B 131 -33.26 -2.94 -2.05
N LEU B 132 -33.92 -4.08 -2.17
CA LEU B 132 -33.48 -5.18 -3.04
C LEU B 132 -34.49 -5.42 -4.15
N ALA B 133 -33.99 -5.85 -5.30
CA ALA B 133 -34.82 -6.29 -6.41
C ALA B 133 -34.53 -7.76 -6.68
N ALA B 134 -35.60 -8.57 -6.67
CA ALA B 134 -35.52 -10.02 -6.85
C ALA B 134 -35.62 -10.32 -8.36
N GLY B 135 -34.55 -9.98 -9.06
CA GLY B 135 -34.46 -10.08 -10.50
C GLY B 135 -34.17 -11.46 -11.07
N ASP B 136 -33.93 -12.46 -10.22
CA ASP B 136 -33.72 -13.85 -10.66
C ASP B 136 -35.10 -14.50 -10.71
N THR B 137 -35.87 -14.09 -11.69
CA THR B 137 -37.32 -14.22 -11.62
C THR B 137 -37.89 -15.61 -11.89
N PHE B 138 -37.14 -16.50 -12.58
CA PHE B 138 -37.60 -17.84 -12.94
C PHE B 138 -37.27 -18.90 -11.89
N ARG B 139 -36.52 -18.53 -10.84
CA ARG B 139 -36.11 -19.42 -9.77
C ARG B 139 -36.91 -19.08 -8.52
N ALA B 140 -38.06 -19.76 -8.36
CA ALA B 140 -39.02 -19.35 -7.35
C ALA B 140 -38.44 -19.48 -5.95
N ALA B 141 -37.72 -20.56 -5.70
CA ALA B 141 -37.14 -20.79 -4.38
C ALA B 141 -36.19 -19.67 -3.99
N ALA B 142 -35.38 -19.19 -4.94
CA ALA B 142 -34.42 -18.13 -4.67
C ALA B 142 -35.10 -16.79 -4.40
N VAL B 143 -36.15 -16.47 -5.15
CA VAL B 143 -36.91 -15.25 -4.90
C VAL B 143 -37.48 -15.27 -3.49
N GLU B 144 -38.06 -16.41 -3.09
CA GLU B 144 -38.69 -16.50 -1.78
C GLU B 144 -37.65 -16.41 -0.66
N GLN B 145 -36.47 -17.02 -0.85
CA GLN B 145 -35.39 -16.83 0.13
C GLN B 145 -35.06 -15.35 0.31
N LEU B 146 -34.95 -14.64 -0.81
CA LEU B 146 -34.65 -13.21 -0.74
C LEU B 146 -35.79 -12.45 -0.06
N GLN B 147 -37.04 -12.74 -0.41
CA GLN B 147 -38.15 -12.11 0.29
C GLN B 147 -38.13 -12.42 1.80
N VAL B 148 -37.89 -13.69 2.16
CA VAL B 148 -37.82 -14.07 3.57
C VAL B 148 -36.71 -13.30 4.28
N TRP B 149 -35.56 -13.18 3.63
CA TRP B 149 -34.45 -12.45 4.22
C TRP B 149 -34.83 -10.97 4.43
N GLY B 150 -35.47 -10.36 3.44
CA GLY B 150 -35.91 -8.99 3.60
C GLY B 150 -36.93 -8.83 4.70
N GLN B 151 -37.88 -9.77 4.79
CA GLN B 151 -38.82 -9.81 5.92
C GLN B 151 -38.05 -9.91 7.24
N ARG B 152 -37.08 -10.82 7.32
CA ARG B 152 -36.36 -11.01 8.57
C ARG B 152 -35.53 -9.78 8.94
N ASN B 153 -35.10 -8.99 7.96
CA ASN B 153 -34.18 -7.88 8.22
C ASN B 153 -34.80 -6.51 7.99
N ASN B 154 -36.11 -6.45 7.74
CA ASN B 154 -36.83 -5.18 7.56
C ASN B 154 -36.22 -4.35 6.42
N ILE B 155 -35.93 -5.02 5.30
CA ILE B 155 -35.46 -4.36 4.09
C ILE B 155 -36.43 -4.70 2.96
N PRO B 156 -37.02 -3.71 2.28
CA PRO B 156 -38.00 -4.02 1.21
C PRO B 156 -37.38 -4.79 0.05
N VAL B 157 -38.14 -5.76 -0.47
CA VAL B 157 -37.70 -6.59 -1.57
C VAL B 157 -38.79 -6.53 -2.63
N ILE B 158 -38.43 -6.06 -3.82
CA ILE B 158 -39.37 -5.92 -4.92
C ILE B 158 -39.34 -7.20 -5.72
N ALA B 159 -40.49 -7.81 -5.94
CA ALA B 159 -40.54 -9.08 -6.61
C ALA B 159 -41.88 -9.23 -7.32
N GLN B 160 -41.88 -10.07 -8.37
CA GLN B 160 -43.10 -10.40 -9.09
C GLN B 160 -43.21 -11.92 -9.18
N HIS B 161 -44.30 -12.36 -9.78
CA HIS B 161 -44.60 -13.77 -9.93
C HIS B 161 -43.45 -14.51 -10.63
N THR B 162 -43.38 -15.80 -10.37
CA THR B 162 -42.41 -16.65 -11.04
C THR B 162 -42.54 -16.54 -12.54
N GLY B 163 -41.41 -16.27 -13.20
CA GLY B 163 -41.37 -16.11 -14.64
C GLY B 163 -41.66 -14.70 -15.11
N ALA B 164 -41.74 -13.73 -14.21
CA ALA B 164 -41.86 -12.33 -14.58
C ALA B 164 -40.62 -11.89 -15.37
N ASP B 165 -40.79 -10.81 -16.15
CA ASP B 165 -39.66 -10.23 -16.85
C ASP B 165 -38.70 -9.57 -15.85
N SER B 166 -37.45 -10.03 -15.83
N SER B 166 -37.45 -10.03 -15.83
CA SER B 166 -36.50 -9.47 -14.87
CA SER B 166 -36.45 -9.49 -14.91
C SER B 166 -36.34 -7.96 -15.03
C SER B 166 -36.35 -7.97 -15.04
N ALA B 167 -36.23 -7.48 -16.27
CA ALA B 167 -36.07 -6.04 -16.49
C ALA B 167 -37.26 -5.25 -15.96
N SER B 168 -38.45 -5.82 -16.05
CA SER B 168 -39.63 -5.17 -15.50
C SER B 168 -39.62 -5.13 -13.98
N VAL B 169 -39.18 -6.21 -13.34
CA VAL B 169 -39.05 -6.20 -11.88
C VAL B 169 -38.06 -5.11 -11.46
N ILE B 170 -36.95 -5.01 -12.18
CA ILE B 170 -35.91 -4.08 -11.78
C ILE B 170 -36.35 -2.63 -12.08
N PHE B 171 -37.13 -2.51 -13.13
CA PHE B 171 -37.72 -1.20 -13.54
C PHE B 171 -38.64 -0.74 -12.36
N ASP B 172 -39.49 -1.64 -11.90
CA ASP B 172 -40.42 -1.31 -10.84
C ASP B 172 -39.68 -0.98 -9.55
N ALA B 173 -38.58 -1.70 -9.27
CA ALA B 173 -37.78 -1.45 -8.08
C ALA B 173 -37.09 -0.10 -8.14
N ILE B 174 -36.59 0.32 -9.31
CA ILE B 174 -35.96 1.64 -9.38
C ILE B 174 -37.02 2.73 -9.15
N GLN B 175 -38.17 2.58 -9.81
CA GLN B 175 -39.30 3.48 -9.61
C GLN B 175 -39.67 3.61 -8.15
N ALA B 176 -39.84 2.48 -7.46
CA ALA B 176 -40.16 2.51 -6.04
C ALA B 176 -39.03 3.15 -5.23
N ALA B 177 -37.79 2.76 -5.52
CA ALA B 177 -36.67 3.31 -4.75
C ALA B 177 -36.59 4.82 -4.88
N LYS B 178 -36.82 5.34 -6.11
CA LYS B 178 -36.80 6.78 -6.34
C LYS B 178 -37.93 7.47 -5.57
N ALA B 179 -39.13 6.91 -5.64
CA ALA B 179 -40.25 7.50 -4.92
C ALA B 179 -40.02 7.53 -3.42
N ARG B 180 -39.32 6.53 -2.87
CA ARG B 180 -39.09 6.44 -1.43
C ARG B 180 -37.75 7.01 -0.98
N ASN B 181 -37.02 7.70 -1.87
CA ASN B 181 -35.71 8.28 -1.58
C ASN B 181 -34.78 7.27 -0.91
N ILE B 182 -34.80 6.03 -1.42
CA ILE B 182 -33.86 5.00 -1.02
C ILE B 182 -32.45 5.35 -1.48
N ASP B 183 -31.46 5.11 -0.62
CA ASP B 183 -30.06 5.42 -0.92
C ASP B 183 -29.42 4.38 -1.84
N VAL B 184 -29.68 3.09 -1.61
CA VAL B 184 -29.01 2.04 -2.39
C VAL B 184 -30.04 0.99 -2.80
N LEU B 185 -30.03 0.65 -4.10
CA LEU B 185 -30.85 -0.43 -4.65
C LEU B 185 -29.91 -1.52 -5.16
N ILE B 186 -30.05 -2.73 -4.62
CA ILE B 186 -29.24 -3.87 -5.04
C ILE B 186 -30.14 -4.83 -5.80
N ALA B 187 -29.85 -5.02 -7.08
CA ALA B 187 -30.69 -5.83 -7.98
C ALA B 187 -30.00 -7.16 -8.26
N ASP B 188 -30.64 -8.25 -7.85
CA ASP B 188 -30.25 -9.60 -8.25
C ASP B 188 -30.63 -9.87 -9.69
N ALA B 190 -30.53 -13.27 -12.86
CA ALA B 190 -30.40 -14.70 -13.11
C ALA B 190 -28.93 -15.06 -13.28
N GLY B 191 -28.61 -16.30 -12.99
CA GLY B 191 -27.23 -16.77 -13.04
C GLY B 191 -27.10 -18.14 -13.67
N ARG B 192 -28.01 -18.44 -14.58
N ARG B 192 -27.99 -18.44 -14.60
CA ARG B 192 -28.01 -19.70 -15.32
CA ARG B 192 -28.01 -19.72 -15.28
C ARG B 192 -27.02 -19.61 -16.48
C ARG B 192 -27.07 -19.65 -16.48
N LEU B 193 -26.05 -20.51 -16.49
CA LEU B 193 -25.12 -20.57 -17.62
C LEU B 193 -25.51 -21.57 -18.69
N GLN B 194 -26.67 -22.23 -18.58
CA GLN B 194 -27.00 -23.26 -19.56
C GLN B 194 -27.04 -22.68 -20.97
N ASN B 195 -27.90 -21.71 -21.23
CA ASN B 195 -27.87 -21.01 -22.52
C ASN B 195 -27.38 -19.59 -22.23
N LYS B 196 -26.05 -19.40 -22.35
CA LYS B 196 -25.42 -18.16 -21.95
C LYS B 196 -25.80 -17.01 -22.88
N SER B 197 -26.10 -17.32 -24.15
CA SER B 197 -26.55 -16.27 -25.06
C SER B 197 -27.79 -15.58 -24.53
N HIS B 198 -28.73 -16.35 -23.97
CA HIS B 198 -29.92 -15.79 -23.34
C HIS B 198 -29.55 -14.90 -22.15
N LEU B 199 -28.86 -15.44 -21.16
CA LEU B 199 -28.54 -14.67 -19.95
C LEU B 199 -27.89 -13.32 -20.30
N MET B 200 -26.99 -13.31 -21.26
CA MET B 200 -26.29 -12.04 -21.60
C MET B 200 -27.27 -11.02 -22.25
N GLU B 201 -28.09 -11.48 -23.19
CA GLU B 201 -29.07 -10.57 -23.80
C GLU B 201 -30.05 -10.06 -22.77
N GLU B 202 -30.33 -10.88 -21.76
CA GLU B 202 -31.21 -10.48 -20.69
C GLU B 202 -30.57 -9.35 -19.88
N LEU B 203 -29.25 -9.40 -19.68
CA LEU B 203 -28.60 -8.31 -18.95
C LEU B 203 -28.63 -7.00 -19.74
N LYS B 204 -28.38 -7.07 -21.05
CA LYS B 204 -28.41 -5.85 -21.84
C LYS B 204 -29.81 -5.26 -21.86
N LYS B 205 -30.83 -6.11 -21.87
CA LYS B 205 -32.21 -5.63 -21.77
C LYS B 205 -32.44 -4.94 -20.43
N ILE B 206 -31.98 -5.57 -19.34
CA ILE B 206 -32.13 -4.98 -18.01
C ILE B 206 -31.55 -3.58 -17.99
N VAL B 207 -30.34 -3.42 -18.50
CA VAL B 207 -29.68 -2.12 -18.45
C VAL B 207 -30.45 -1.10 -19.27
N ARG B 208 -30.87 -1.49 -20.47
CA ARG B 208 -31.63 -0.57 -21.33
C ARG B 208 -32.89 -0.07 -20.63
N VAL B 209 -33.62 -0.97 -19.99
CA VAL B 209 -34.84 -0.60 -19.29
C VAL B 209 -34.52 0.30 -18.10
N MET B 210 -33.44 -0.01 -17.37
CA MET B 210 -33.03 0.86 -16.28
C MET B 210 -32.90 2.29 -16.75
N LYS B 211 -32.29 2.46 -17.92
CA LYS B 211 -31.93 3.79 -18.34
C LYS B 211 -33.15 4.59 -18.80
N LYS B 212 -34.28 3.93 -18.94
CA LYS B 212 -35.53 4.66 -19.22
C LYS B 212 -35.81 5.60 -17.96
N LEU B 213 -35.64 5.05 -16.76
CA LEU B 213 -35.89 5.80 -15.51
C LEU B 213 -34.65 6.64 -14.99
N ASP B 214 -33.42 6.16 -15.23
CA ASP B 214 -32.17 6.92 -14.83
C ASP B 214 -30.97 6.63 -15.77
N VAL B 215 -30.60 7.57 -16.61
CA VAL B 215 -29.54 7.27 -17.58
C VAL B 215 -28.23 6.89 -16.89
N GLU B 216 -28.06 7.20 -15.62
CA GLU B 216 -26.84 6.82 -14.91
C GLU B 216 -26.90 5.38 -14.38
N ALA B 217 -28.09 4.78 -14.30
CA ALA B 217 -28.22 3.43 -13.76
C ALA B 217 -27.90 2.39 -14.82
N PRO B 218 -27.27 1.26 -14.45
CA PRO B 218 -26.73 0.95 -13.13
C PRO B 218 -25.44 1.69 -12.85
N HIS B 219 -25.29 2.20 -11.63
CA HIS B 219 -24.09 2.93 -11.27
C HIS B 219 -22.92 1.98 -11.05
N GLU B 220 -23.20 0.78 -10.63
CA GLU B 220 -22.21 -0.28 -10.48
C GLU B 220 -22.76 -1.57 -11.09
N VAL B 221 -21.96 -2.23 -11.90
CA VAL B 221 -22.24 -3.60 -12.34
C VAL B 221 -21.22 -4.49 -11.66
N MET B 222 -21.69 -5.28 -10.69
CA MET B 222 -20.83 -6.00 -9.75
C MET B 222 -20.91 -7.47 -10.10
N LEU B 223 -19.78 -8.07 -10.44
CA LEU B 223 -19.72 -9.52 -10.59
C LEU B 223 -19.33 -10.14 -9.25
N THR B 224 -19.94 -11.28 -8.93
CA THR B 224 -19.49 -12.10 -7.81
C THR B 224 -18.97 -13.43 -8.35
N ILE B 225 -17.78 -13.81 -7.90
CA ILE B 225 -17.14 -15.10 -8.21
C ILE B 225 -16.56 -15.69 -6.94
N ASP B 226 -16.37 -17.00 -6.97
CA ASP B 226 -16.00 -17.80 -5.79
C ASP B 226 -14.54 -18.17 -5.94
N ALA B 227 -13.72 -17.59 -5.08
CA ALA B 227 -12.26 -17.87 -5.13
C ALA B 227 -11.92 -19.42 -5.07
N SER B 228 -12.65 -20.22 -4.26
CA SER B 228 -12.36 -21.69 -4.14
C SER B 228 -12.67 -22.47 -5.45
N THR B 229 -13.21 -21.81 -6.46
CA THR B 229 -13.56 -22.48 -7.71
C THR B 229 -12.50 -22.27 -8.78
N GLN B 231 -10.03 -21.75 -11.70
CA GLN B 231 -10.19 -21.10 -12.99
C GLN B 231 -11.64 -21.02 -13.46
N ASN B 232 -12.58 -21.59 -12.69
CA ASN B 232 -14.00 -21.45 -13.10
C ASN B 232 -14.37 -19.96 -12.85
N ALA B 233 -13.91 -19.47 -11.71
CA ALA B 233 -14.14 -18.07 -11.35
C ALA B 233 -13.42 -17.14 -12.35
N VAL B 234 -12.25 -17.54 -12.86
CA VAL B 234 -11.59 -16.70 -13.87
C VAL B 234 -12.44 -16.74 -15.16
N SER B 235 -12.96 -17.93 -15.46
CA SER B 235 -13.76 -18.09 -16.66
C SER B 235 -15.12 -17.42 -16.52
N GLN B 236 -15.65 -17.28 -15.30
CA GLN B 236 -16.97 -16.67 -15.26
C GLN B 236 -16.80 -15.17 -15.50
N ALA B 237 -15.77 -14.59 -14.88
CA ALA B 237 -15.45 -13.18 -15.08
C ALA B 237 -15.23 -12.88 -16.59
N LYS B 238 -14.48 -13.72 -17.32
CA LYS B 238 -14.30 -13.46 -18.78
C LYS B 238 -15.70 -13.37 -19.48
N LEU B 239 -16.54 -14.36 -19.22
CA LEU B 239 -17.86 -14.40 -19.84
C LEU B 239 -18.66 -13.15 -19.52
N PHE B 240 -18.80 -12.82 -18.22
CA PHE B 240 -19.62 -11.66 -17.87
C PHE B 240 -18.96 -10.36 -18.28
N HIS B 241 -17.63 -10.30 -18.27
CA HIS B 241 -16.95 -9.08 -18.66
C HIS B 241 -17.27 -8.72 -20.11
N GLU B 242 -17.21 -9.71 -21.00
CA GLU B 242 -17.45 -9.47 -22.42
C GLU B 242 -18.92 -9.21 -22.70
N ALA B 243 -19.80 -9.85 -21.93
CA ALA B 243 -21.24 -9.71 -22.16
C ALA B 243 -21.77 -8.36 -21.68
N VAL B 244 -21.34 -7.90 -20.51
CA VAL B 244 -21.81 -6.65 -19.94
C VAL B 244 -20.60 -5.86 -19.45
N GLY B 245 -20.78 -4.58 -19.27
CA GLY B 245 -19.67 -3.79 -18.77
C GLY B 245 -19.53 -3.86 -17.25
N LEU B 246 -18.61 -4.68 -16.77
CA LEU B 246 -18.37 -4.76 -15.33
C LEU B 246 -17.65 -3.51 -14.85
N THR B 247 -18.05 -3.04 -13.70
CA THR B 247 -17.35 -1.98 -13.01
C THR B 247 -16.75 -2.40 -11.67
N GLY B 248 -17.15 -3.54 -11.11
CA GLY B 248 -16.60 -4.03 -9.86
C GLY B 248 -16.69 -5.54 -9.77
N ILE B 249 -15.82 -6.10 -8.93
CA ILE B 249 -15.82 -7.54 -8.68
C ILE B 249 -15.72 -7.89 -7.20
N THR B 250 -16.59 -8.80 -6.75
CA THR B 250 -16.50 -9.34 -5.41
C THR B 250 -16.03 -10.78 -5.54
N LEU B 251 -15.02 -11.15 -4.74
CA LEU B 251 -14.51 -12.52 -4.72
C LEU B 251 -14.80 -13.09 -3.34
N THR B 252 -15.56 -14.18 -3.28
CA THR B 252 -15.99 -14.78 -2.02
C THR B 252 -15.12 -15.99 -1.69
N LYS B 253 -15.23 -16.43 -0.44
CA LYS B 253 -14.66 -17.69 0.04
C LYS B 253 -13.14 -17.74 -0.14
N LEU B 254 -12.46 -16.63 0.14
CA LEU B 254 -11.00 -16.66 0.13
C LEU B 254 -10.44 -17.46 1.30
N ASP B 255 -11.19 -17.57 2.39
CA ASP B 255 -10.77 -18.35 3.54
C ASP B 255 -10.93 -19.84 3.25
N GLY B 256 -10.13 -20.64 3.92
CA GLY B 256 -10.25 -22.07 3.80
C GLY B 256 -9.97 -22.65 2.43
N THR B 257 -9.52 -21.84 1.47
CA THR B 257 -9.12 -22.40 0.19
C THR B 257 -7.59 -22.16 0.02
N ALA B 258 -6.85 -23.15 -0.49
CA ALA B 258 -5.40 -23.00 -0.63
C ALA B 258 -5.01 -22.47 -2.01
N LYS B 259 -6.00 -22.16 -2.83
CA LYS B 259 -5.71 -21.64 -4.15
C LYS B 259 -6.15 -20.19 -4.30
N GLY B 260 -5.48 -19.34 -3.55
CA GLY B 260 -5.68 -17.91 -3.59
C GLY B 260 -5.16 -17.06 -4.71
N GLY B 261 -4.71 -17.69 -5.78
CA GLY B 261 -4.19 -16.92 -6.89
C GLY B 261 -5.20 -16.40 -7.85
N VAL B 262 -6.45 -16.88 -7.76
CA VAL B 262 -7.44 -16.38 -8.69
C VAL B 262 -7.52 -14.87 -8.58
N ILE B 263 -7.33 -14.31 -7.39
CA ILE B 263 -7.48 -12.86 -7.23
C ILE B 263 -6.46 -12.15 -8.11
N PHE B 264 -5.25 -12.71 -8.21
CA PHE B 264 -4.23 -12.13 -9.07
C PHE B 264 -4.56 -12.29 -10.54
N SER B 265 -5.07 -13.47 -10.93
CA SER B 265 -5.39 -13.68 -12.33
C SER B 265 -6.53 -12.74 -12.77
N VAL B 266 -7.56 -12.63 -11.95
CA VAL B 266 -8.69 -11.74 -12.22
C VAL B 266 -8.23 -10.29 -12.30
N ALA B 267 -7.43 -9.87 -11.33
CA ALA B 267 -6.93 -8.50 -11.35
C ALA B 267 -6.18 -8.23 -12.65
N ASP B 268 -5.24 -9.10 -13.01
CA ASP B 268 -4.33 -8.83 -14.12
C ASP B 268 -5.02 -8.97 -15.48
N GLN B 269 -5.88 -9.98 -15.64
CA GLN B 269 -6.47 -10.23 -16.95
C GLN B 269 -7.54 -9.20 -17.29
N PHE B 270 -8.25 -8.67 -16.30
CA PHE B 270 -9.41 -7.84 -16.60
C PHE B 270 -9.31 -6.40 -16.18
N GLY B 271 -8.49 -6.07 -15.18
CA GLY B 271 -8.34 -4.69 -14.77
C GLY B 271 -9.56 -4.05 -14.17
N ILE B 272 -10.57 -4.82 -13.79
CA ILE B 272 -11.78 -4.33 -13.12
C ILE B 272 -11.50 -4.19 -11.62
N PRO B 273 -11.89 -3.09 -10.98
CA PRO B 273 -11.70 -2.98 -9.53
C PRO B 273 -12.27 -4.16 -8.78
N ILE B 274 -11.49 -4.67 -7.81
CA ILE B 274 -11.98 -5.63 -6.83
C ILE B 274 -12.54 -4.86 -5.66
N ARG B 275 -13.87 -4.88 -5.48
CA ARG B 275 -14.54 -4.05 -4.49
C ARG B 275 -14.54 -4.68 -3.10
N TYR B 276 -14.79 -5.98 -3.06
CA TYR B 276 -14.85 -6.76 -1.81
C TYR B 276 -14.25 -8.19 -1.88
N ILE B 277 -13.71 -8.65 -0.76
CA ILE B 277 -13.24 -10.04 -0.62
C ILE B 277 -13.93 -10.67 0.59
N GLY B 278 -14.48 -11.84 0.40
CA GLY B 278 -15.14 -12.57 1.47
C GLY B 278 -14.15 -13.49 2.15
N VAL B 279 -13.92 -13.25 3.44
CA VAL B 279 -12.90 -14.01 4.18
C VAL B 279 -13.49 -14.63 5.44
N GLY B 280 -14.80 -14.80 5.47
CA GLY B 280 -15.42 -15.46 6.61
C GLY B 280 -16.93 -15.36 6.57
N GLU B 281 -17.54 -15.98 7.59
CA GLU B 281 -19.00 -16.15 7.65
C GLU B 281 -19.76 -14.90 8.15
N ARG B 282 -19.08 -13.98 8.82
CA ARG B 282 -19.73 -12.80 9.42
C ARG B 282 -20.01 -11.72 8.37
N ILE B 283 -20.98 -10.86 8.68
CA ILE B 283 -21.30 -9.75 7.78
C ILE B 283 -20.05 -8.94 7.49
N GLU B 284 -19.28 -8.59 8.53
CA GLU B 284 -18.08 -7.80 8.34
C GLU B 284 -16.93 -8.56 7.70
N ASP B 285 -17.04 -9.87 7.57
CA ASP B 285 -15.99 -10.61 6.86
C ASP B 285 -16.09 -10.46 5.34
N LEU B 286 -17.16 -9.85 4.83
CA LEU B 286 -17.15 -9.33 3.46
C LEU B 286 -16.47 -7.99 3.57
N ARG B 287 -15.14 -7.96 3.29
CA ARG B 287 -14.31 -6.81 3.54
C ARG B 287 -14.22 -5.94 2.30
N PRO B 288 -14.43 -4.63 2.43
CA PRO B 288 -13.95 -3.75 1.36
C PRO B 288 -12.51 -4.07 1.08
N PHE B 289 -12.19 -4.28 -0.20
CA PHE B 289 -10.88 -4.76 -0.59
C PHE B 289 -9.83 -3.66 -0.41
N LYS B 290 -8.80 -3.96 0.36
CA LYS B 290 -7.60 -3.12 0.41
C LYS B 290 -6.40 -3.96 -0.02
N ALA B 291 -5.85 -3.65 -1.21
CA ALA B 291 -4.78 -4.44 -1.77
C ALA B 291 -3.57 -4.47 -0.86
N ASP B 292 -3.26 -3.33 -0.23
CA ASP B 292 -2.09 -3.27 0.61
C ASP B 292 -2.25 -4.13 1.87
N ASP B 293 -3.39 -4.05 2.54
CA ASP B 293 -3.66 -4.94 3.68
C ASP B 293 -3.55 -6.38 3.24
N PHE B 294 -4.18 -6.71 2.11
CA PHE B 294 -4.17 -8.07 1.61
C PHE B 294 -2.75 -8.58 1.39
N ILE B 295 -1.95 -7.81 0.65
CA ILE B 295 -0.57 -8.19 0.41
C ILE B 295 0.18 -8.38 1.73
N GLU B 296 0.00 -7.46 2.67
CA GLU B 296 0.75 -7.56 3.93
C GLU B 296 0.37 -8.81 4.68
N ALA B 297 -0.92 -9.17 4.66
CA ALA B 297 -1.35 -10.38 5.34
C ALA B 297 -0.78 -11.63 4.66
N LEU B 298 -0.84 -11.66 3.33
CA LEU B 298 -0.35 -12.80 2.56
C LEU B 298 1.15 -13.00 2.71
N PHE B 299 1.91 -11.90 2.70
CA PHE B 299 3.37 -11.96 2.78
C PHE B 299 3.89 -11.77 4.18
N ALA B 300 3.03 -11.77 5.20
CA ALA B 300 3.51 -11.56 6.56
C ALA B 300 4.47 -12.67 6.95
N ARG B 301 5.54 -12.29 7.62
CA ARG B 301 6.60 -13.20 8.05
C ARG B 301 7.17 -12.71 9.38
N GLU B 302 7.53 -13.66 10.23
CA GLU B 302 7.90 -13.38 11.60
C GLU B 302 9.37 -13.64 11.86
N ASP B 303 10.12 -13.95 10.82
CA ASP B 303 11.53 -14.27 10.95
C ASP B 303 12.45 -13.07 10.79
CAB F9Y C . 14.20 -2.20 16.55
CAC F9Y C . 14.90 -2.23 17.84
CAD F9Y C . 14.22 -2.69 18.97
CAE F9Y C . 14.89 -2.69 20.19
CAF F9Y C . 16.17 -2.29 20.26
CAG F9Y C . 16.80 -1.86 19.18
CAH F9Y C . 16.22 -1.82 17.98
CAJ F9Y C . 18.15 -1.73 20.87
CAK F9Y C . 17.00 -2.21 21.31
NAA F9Y C . 13.66 -2.18 15.54
NAI F9Y C . 18.04 -1.53 19.57
HAD F9Y C . 13.19 -3.02 18.90
HAE F9Y C . 14.39 -3.05 21.08
HAH F9Y C . 16.77 -1.46 17.12
HAJ F9Y C . 19.04 -1.56 21.47
HAK F9Y C . 16.76 -2.50 22.33
HAI F9Y C . 18.75 -1.16 18.97
CAB F9Y D . 40.98 -0.41 18.05
CAC F9Y D . 41.62 0.47 17.14
CAD F9Y D . 42.51 0.00 16.19
CAE F9Y D . 43.10 0.92 15.34
CAF F9Y D . 42.79 2.21 15.42
CAG F9Y D . 41.92 2.65 16.33
CAH F9Y D . 41.33 1.83 17.18
CAJ F9Y D . 42.62 4.33 15.19
CAK F9Y D . 43.21 3.25 14.73
NAA F9Y D . 40.47 -1.08 18.77
NAI F9Y D . 41.81 3.97 16.19
HAD F9Y D . 42.76 -1.06 16.13
HAE F9Y D . 43.82 0.58 14.58
HAH F9Y D . 40.63 2.21 17.92
HAJ F9Y D . 42.75 5.35 14.83
HAK F9Y D . 43.92 3.21 13.91
HAI F9Y D . 41.23 4.57 16.74
CAB F9Y E . -42.88 -2.69 -15.88
CAC F9Y E . -42.37 -1.98 -17.03
CAD F9Y E . -42.81 -0.70 -17.32
CAE F9Y E . -42.28 -0.06 -18.43
CAF F9Y E . -41.37 -0.67 -19.18
CAG F9Y E . -40.94 -1.90 -18.89
CAH F9Y E . -41.41 -2.56 -17.84
CAJ F9Y E . -39.91 -1.23 -20.65
CAK F9Y E . -40.73 -0.26 -20.28
NAA F9Y E . -43.28 -3.24 -14.99
NAI F9Y E . -40.05 -2.25 -19.79
HAD F9Y E . -43.56 -0.21 -16.70
HAE F9Y E . -42.62 0.94 -18.69
HAH F9Y E . -41.04 -3.57 -17.62
HAJ F9Y E . -39.25 -1.20 -21.51
HAK F9Y E . -40.86 0.71 -20.77
HAI F9Y E . -39.55 -3.12 -19.84
CAB F9Y F . -26.89 -13.05 3.38
CAC F9Y F . -27.98 -13.88 2.74
CAD F9Y F . -28.07 -15.26 2.91
CAE F9Y F . -29.10 -15.94 2.29
CAF F9Y F . -30.00 -15.30 1.54
CAG F9Y F . -29.91 -13.97 1.37
CAH F9Y F . -28.95 -13.26 1.95
CAJ F9Y F . -31.63 -14.68 0.27
CAK F9Y F . -31.05 -15.72 0.86
NAA F9Y F . -26.11 -12.41 3.83
NAI F9Y F . -30.92 -13.60 0.60
HAD F9Y F . -27.33 -15.78 3.52
HAE F9Y F . -29.18 -17.02 2.41
HAH F9Y F . -28.91 -12.18 1.80
HAJ F9Y F . -32.52 -14.70 -0.36
HAK F9Y F . -31.39 -16.76 0.79
HAI F9Y F . -31.11 -12.66 0.30
NA NA G . -9.38 -0.91 -2.58
#